data_7WB7
#
_entry.id   7WB7
#
_cell.length_a   54.660
_cell.length_b   58.170
_cell.length_c   67.340
_cell.angle_alpha   90.00
_cell.angle_beta   90.00
_cell.angle_gamma   90.00
#
_symmetry.space_group_name_H-M   'P 21 21 21'
#
loop_
_entity.id
_entity.type
_entity.pdbx_description
1 polymer 'Cationic trypsin'
2 non-polymer SEROTONIN
3 non-polymer 'DIMETHYL SULFOXIDE'
4 non-polymer 'CALCIUM ION'
5 water water
#
_entity_poly.entity_id   1
_entity_poly.type   'polypeptide(L)'
_entity_poly.pdbx_seq_one_letter_code
;IVGGYTCGANTVPYQVSLNSGYHFCGGSLINSQWVVSAAHCYKSGIQVRLGEDNINVVEGNEQFISASKSIVHPSYNSNT
LNNDIMLIKLKSAASLNSRVASISLPTSCASAGTQCLISGWGNTKSSGTSYPDVLKCLKAPILSDSSCKSAYPGQITSNM
FCAGYLEGGKDSCQGDSGGPVVCSGKLQGIVSWGSGCAQKNKPGVYTKVCNYVSWIKQTIASN
;
_entity_poly.pdbx_strand_id   A
#
loop_
_chem_comp.id
_chem_comp.type
_chem_comp.name
_chem_comp.formula
CA non-polymer 'CALCIUM ION' 'Ca 2'
DMS non-polymer 'DIMETHYL SULFOXIDE' 'C2 H6 O S'
SRO non-polymer SEROTONIN 'C10 H12 N2 O'
#
# COMPACT_ATOMS: atom_id res chain seq x y z
N ILE A 1 -9.17 5.82 2.67
CA ILE A 1 -8.93 5.70 4.12
C ILE A 1 -10.16 6.28 4.82
N VAL A 2 -10.80 5.46 5.62
CA VAL A 2 -11.96 5.82 6.46
C VAL A 2 -11.44 6.17 7.85
N GLY A 3 -11.87 7.30 8.38
CA GLY A 3 -11.59 7.65 9.78
C GLY A 3 -10.15 8.07 9.99
N GLY A 4 -9.49 8.50 8.93
CA GLY A 4 -8.12 8.99 8.95
C GLY A 4 -8.07 10.49 9.10
N TYR A 5 -6.90 11.01 8.78
CA TYR A 5 -6.61 12.44 8.79
C TYR A 5 -5.83 12.80 7.54
N THR A 6 -5.89 14.08 7.20
CA THR A 6 -5.12 14.62 6.08
C THR A 6 -3.65 14.58 6.45
N CYS A 7 -2.85 13.84 5.71
CA CYS A 7 -1.42 13.61 6.06
C CYS A 7 -0.70 14.96 6.13
N GLY A 8 -0.95 15.78 5.11
CA GLY A 8 -0.18 16.98 4.85
C GLY A 8 0.72 16.74 3.66
N ALA A 9 0.88 17.75 2.82
CA ALA A 9 1.60 17.61 1.55
C ALA A 9 3.01 17.06 1.80
N ASN A 10 3.30 15.94 1.12
CA ASN A 10 4.64 15.34 0.96
C ASN A 10 5.20 14.92 2.31
N THR A 11 4.32 14.61 3.26
CA THR A 11 4.72 14.06 4.57
C THR A 11 4.92 12.55 4.51
N VAL A 12 4.53 11.94 3.40
CA VAL A 12 4.62 10.48 3.18
C VAL A 12 5.34 10.32 1.86
N PRO A 13 6.66 10.56 1.84
CA PRO A 13 7.35 10.82 0.57
C PRO A 13 7.56 9.60 -0.32
N TYR A 14 7.32 8.42 0.24
CA TYR A 14 7.42 7.12 -0.44
C TYR A 14 6.09 6.71 -1.07
N GLN A 15 5.01 7.43 -0.79
CA GLN A 15 3.70 7.10 -1.34
C GLN A 15 3.68 7.44 -2.82
N VAL A 16 3.22 6.49 -3.62
CA VAL A 16 3.00 6.73 -5.07
C VAL A 16 1.54 6.50 -5.38
N SER A 17 1.13 7.15 -6.45
CA SER A 17 -0.18 6.94 -7.10
C SER A 17 0.12 6.24 -8.42
N LEU A 18 -0.58 5.12 -8.68
CA LEU A 18 -0.53 4.47 -9.98
C LEU A 18 -1.69 5.05 -10.79
N ASN A 19 -1.36 5.50 -11.98
CA ASN A 19 -2.30 6.25 -12.82
C ASN A 19 -2.39 5.55 -14.17
N SER A 20 -3.62 5.24 -14.59
CA SER A 20 -3.90 4.75 -15.98
C SER A 20 -4.92 5.68 -16.61
N GLY A 21 -4.73 6.99 -16.51
CA GLY A 21 -5.73 7.97 -16.93
C GLY A 21 -6.49 8.53 -15.73
N TYR A 22 -6.24 7.94 -14.59
CA TYR A 22 -6.90 8.23 -13.30
C TYR A 22 -6.16 7.40 -12.26
N HIS A 23 -6.21 7.85 -11.02
CA HIS A 23 -5.60 7.11 -9.91
C HIS A 23 -6.37 5.82 -9.71
N PHE A 24 -5.70 4.70 -9.60
CA PHE A 24 -6.42 3.44 -9.34
C PHE A 24 -5.77 2.61 -8.25
N CYS A 25 -4.56 2.95 -7.80
CA CYS A 25 -3.91 2.16 -6.74
C CYS A 25 -2.77 2.99 -6.19
N GLY A 26 -2.43 2.65 -4.97
CA GLY A 26 -1.22 3.19 -4.34
C GLY A 26 -0.04 2.28 -4.57
N GLY A 27 1.10 2.71 -4.10
CA GLY A 27 2.31 1.90 -4.07
C GLY A 27 3.34 2.59 -3.20
N SER A 28 4.50 1.99 -3.12
CA SER A 28 5.61 2.48 -2.28
C SER A 28 6.86 2.49 -3.14
N LEU A 29 7.59 3.59 -3.08
CA LEU A 29 8.89 3.69 -3.73
C LEU A 29 9.93 3.02 -2.85
N ILE A 30 10.60 1.99 -3.32
CA ILE A 30 11.57 1.25 -2.48
C ILE A 30 13.00 1.52 -2.93
N ASN A 31 13.21 2.07 -4.10
CA ASN A 31 14.52 2.69 -4.47
C ASN A 31 14.22 3.62 -5.63
N SER A 32 15.23 4.21 -6.23
CA SER A 32 14.95 5.24 -7.26
C SER A 32 14.23 4.67 -8.49
N GLN A 33 14.23 3.36 -8.69
CA GLN A 33 13.70 2.84 -9.97
C GLN A 33 12.59 1.82 -9.77
N TRP A 34 12.21 1.52 -8.55
CA TRP A 34 11.26 0.42 -8.28
C TRP A 34 10.19 0.83 -7.28
N VAL A 35 9.01 0.34 -7.58
CA VAL A 35 7.80 0.51 -6.77
C VAL A 35 7.28 -0.84 -6.40
N VAL A 36 6.78 -0.95 -5.17
CA VAL A 36 6.05 -2.13 -4.73
C VAL A 36 4.59 -1.77 -4.62
N SER A 37 3.72 -2.67 -5.10
CA SER A 37 2.28 -2.47 -4.98
C SER A 37 1.65 -3.83 -4.77
N ALA A 38 0.36 -3.89 -4.85
CA ALA A 38 -0.39 -5.14 -4.76
C ALA A 38 -0.49 -5.75 -6.17
N ALA A 39 -0.42 -7.07 -6.24
CA ALA A 39 -0.67 -7.80 -7.49
C ALA A 39 -2.07 -7.54 -8.03
N HIS A 40 -3.04 -7.34 -7.17
CA HIS A 40 -4.40 -7.08 -7.67
C HIS A 40 -4.50 -5.71 -8.36
N CYS A 41 -3.49 -4.88 -8.27
CA CYS A 41 -3.39 -3.60 -8.97
C CYS A 41 -2.80 -3.74 -10.37
N TYR A 42 -2.44 -4.93 -10.77
CA TYR A 42 -1.78 -5.12 -12.07
C TYR A 42 -2.69 -4.62 -13.19
N LYS A 43 -2.10 -3.87 -14.08
CA LYS A 43 -2.65 -3.60 -15.41
C LYS A 43 -1.53 -3.07 -16.30
N SER A 44 -1.73 -3.03 -17.60
CA SER A 44 -0.69 -2.48 -18.51
C SER A 44 -0.94 -0.98 -18.57
N GLY A 45 0.07 -0.21 -18.95
CA GLY A 45 -0.10 1.23 -19.23
C GLY A 45 -0.11 2.02 -17.94
N ILE A 46 0.76 1.68 -17.01
CA ILE A 46 0.83 2.39 -15.71
C ILE A 46 1.81 3.56 -15.83
N GLN A 47 1.37 4.71 -15.32
CA GLN A 47 2.28 5.83 -15.03
C GLN A 47 2.35 5.94 -13.53
N VAL A 48 3.59 6.01 -13.04
CA VAL A 48 3.81 6.16 -11.59
C VAL A 48 3.89 7.66 -11.31
N ARG A 49 3.14 8.10 -10.33
CA ARG A 49 3.15 9.53 -9.93
C ARG A 49 3.69 9.62 -8.52
N LEU A 50 4.85 10.27 -8.43
CA LEU A 50 5.57 10.45 -7.17
C LEU A 50 5.38 11.91 -6.76
N GLY A 51 5.57 12.20 -5.49
CA GLY A 51 5.54 13.58 -4.99
C GLY A 51 4.15 14.17 -4.97
N GLU A 52 3.12 13.33 -5.00
CA GLU A 52 1.72 13.79 -5.05
C GLU A 52 1.21 14.15 -3.66
N ASP A 53 0.38 15.19 -3.63
CA ASP A 53 -0.57 15.39 -2.51
C ASP A 53 -1.95 15.44 -3.15
N ASN A 54 -2.35 16.54 -3.75
CA ASN A 54 -3.61 16.60 -4.51
C ASN A 54 -3.35 15.92 -5.85
N ILE A 55 -4.01 14.81 -6.09
CA ILE A 55 -3.82 14.04 -7.36
C ILE A 55 -4.55 14.69 -8.54
N ASN A 56 -5.34 15.73 -8.30
CA ASN A 56 -6.03 16.40 -9.39
C ASN A 56 -5.41 17.75 -9.73
N VAL A 57 -4.39 18.20 -9.00
CA VAL A 57 -3.79 19.51 -9.28
C VAL A 57 -2.29 19.29 -9.35
N VAL A 58 -1.65 19.97 -10.26
CA VAL A 58 -0.17 19.99 -10.33
C VAL A 58 0.30 21.04 -9.34
N GLU A 59 0.98 20.59 -8.27
CA GLU A 59 1.35 21.48 -7.15
C GLU A 59 2.84 21.79 -7.24
N GLY A 60 3.65 21.03 -7.97
CA GLY A 60 5.04 21.42 -8.21
C GLY A 60 6.05 20.42 -7.71
N ASN A 61 5.68 19.41 -6.92
CA ASN A 61 6.70 18.45 -6.44
C ASN A 61 6.60 17.12 -7.19
N GLU A 62 5.71 17.04 -8.16
CA GLU A 62 5.41 15.73 -8.80
C GLU A 62 6.55 15.27 -9.72
N GLN A 63 6.71 13.96 -9.79
CA GLN A 63 7.45 13.31 -10.89
C GLN A 63 6.49 12.26 -11.47
N PHE A 64 6.33 12.29 -12.78
CA PHE A 64 5.48 11.32 -13.49
C PHE A 64 6.41 10.48 -14.35
N ILE A 65 6.42 9.18 -14.09
CA ILE A 65 7.37 8.27 -14.76
C ILE A 65 6.61 7.03 -15.16
N SER A 66 6.75 6.65 -16.41
CA SER A 66 6.09 5.46 -16.97
C SER A 66 6.74 4.23 -16.38
N ALA A 67 5.96 3.19 -16.20
CA ALA A 67 6.47 1.84 -15.87
C ALA A 67 7.13 1.23 -17.12
N SER A 68 8.27 0.58 -16.96
CA SER A 68 8.87 -0.18 -18.07
C SER A 68 8.52 -1.65 -17.97
N LYS A 69 8.33 -2.16 -16.76
CA LYS A 69 8.10 -3.59 -16.53
C LYS A 69 7.30 -3.72 -15.24
N SER A 70 6.38 -4.65 -15.23
CA SER A 70 5.64 -5.05 -14.02
C SER A 70 5.90 -6.53 -13.81
N ILE A 71 6.12 -6.89 -12.55
CA ILE A 71 6.37 -8.30 -12.16
C ILE A 71 5.42 -8.64 -11.03
N VAL A 72 4.40 -9.41 -11.37
CA VAL A 72 3.53 -9.99 -10.36
C VAL A 72 4.22 -11.18 -9.70
N HIS A 73 4.06 -11.28 -8.38
CA HIS A 73 4.60 -12.43 -7.65
C HIS A 73 4.27 -13.71 -8.38
N PRO A 74 5.22 -14.62 -8.53
CA PRO A 74 4.97 -15.84 -9.30
C PRO A 74 3.84 -16.70 -8.75
N SER A 75 3.56 -16.56 -7.45
CA SER A 75 2.58 -17.43 -6.74
C SER A 75 1.32 -16.66 -6.37
N TYR A 76 1.11 -15.48 -6.94
CA TYR A 76 -0.13 -14.71 -6.67
C TYR A 76 -1.34 -15.55 -7.09
N ASN A 77 -2.32 -15.61 -6.21
CA ASN A 77 -3.60 -16.28 -6.49
C ASN A 77 -4.68 -15.22 -6.36
N SER A 78 -5.30 -14.87 -7.47
CA SER A 78 -6.32 -13.80 -7.49
C SER A 78 -7.58 -14.23 -6.75
N ASN A 79 -7.82 -15.52 -6.50
CA ASN A 79 -9.04 -15.94 -5.78
C ASN A 79 -8.86 -15.73 -4.27
N THR A 80 -7.69 -16.07 -3.74
CA THR A 80 -7.41 -16.02 -2.28
C THR A 80 -6.66 -14.74 -1.88
N LEU A 81 -6.05 -14.07 -2.86
CA LEU A 81 -5.16 -12.90 -2.72
C LEU A 81 -3.92 -13.28 -1.91
N ASN A 82 -3.59 -14.55 -1.87
CA ASN A 82 -2.29 -14.95 -1.30
C ASN A 82 -1.21 -14.44 -2.25
N ASN A 83 -0.14 -13.94 -1.67
CA ASN A 83 1.00 -13.36 -2.40
C ASN A 83 0.58 -12.18 -3.24
N ASP A 84 -0.16 -11.27 -2.61
CA ASP A 84 -0.70 -10.07 -3.27
C ASP A 84 0.40 -8.99 -3.28
N ILE A 85 1.37 -9.16 -4.16
CA ILE A 85 2.50 -8.22 -4.26
C ILE A 85 2.99 -8.21 -5.68
N MET A 86 3.40 -7.04 -6.12
CA MET A 86 3.95 -6.84 -7.46
C MET A 86 5.03 -5.76 -7.37
N LEU A 87 5.98 -5.86 -8.24
CA LEU A 87 7.04 -4.87 -8.46
C LEU A 87 6.81 -4.19 -9.80
N ILE A 88 7.09 -2.91 -9.82
CA ILE A 88 7.01 -2.06 -11.01
C ILE A 88 8.35 -1.37 -11.16
N LYS A 89 8.99 -1.57 -12.29
CA LYS A 89 10.20 -0.84 -12.61
C LYS A 89 9.81 0.41 -13.38
N LEU A 90 10.44 1.52 -13.03
CA LEU A 90 10.27 2.81 -13.70
C LEU A 90 11.18 2.88 -14.93
N LYS A 91 10.73 3.60 -15.94
CA LYS A 91 11.49 3.76 -17.20
C LYS A 91 12.79 4.52 -16.90
N SER A 92 12.74 5.45 -15.95
CA SER A 92 13.95 6.20 -15.56
C SER A 92 13.90 6.36 -14.03
N ALA A 93 15.04 6.62 -13.45
CA ALA A 93 15.13 6.75 -12.00
C ALA A 93 14.44 8.04 -11.57
N ALA A 94 13.74 7.96 -10.47
CA ALA A 94 13.20 9.14 -9.77
C ALA A 94 14.35 10.00 -9.24
N SER A 95 14.11 11.30 -9.10
CA SER A 95 15.04 12.21 -8.38
C SER A 95 14.63 12.22 -6.91
N LEU A 96 15.47 11.71 -6.02
CA LEU A 96 15.06 11.57 -4.61
C LEU A 96 15.42 12.86 -3.88
N ASN A 97 14.52 13.30 -3.01
CA ASN A 97 14.61 14.58 -2.29
C ASN A 97 13.78 14.44 -1.00
N SER A 98 13.58 15.50 -0.22
CA SER A 98 12.86 15.40 1.07
C SER A 98 11.39 14.97 0.88
N ARG A 99 10.83 15.21 -0.31
CA ARG A 99 9.40 15.00 -0.64
C ARG A 99 9.17 13.78 -1.52
N VAL A 100 10.24 13.24 -2.11
CA VAL A 100 10.21 11.97 -2.89
C VAL A 100 11.38 11.13 -2.39
N ALA A 101 11.04 10.09 -1.65
CA ALA A 101 12.04 9.30 -0.93
C ALA A 101 11.58 7.85 -0.88
N SER A 102 12.57 6.97 -0.86
CA SER A 102 12.32 5.52 -0.81
C SER A 102 12.04 5.15 0.65
N ILE A 103 11.30 4.07 0.84
CA ILE A 103 11.08 3.47 2.17
C ILE A 103 11.88 2.18 2.21
N SER A 104 12.49 1.93 3.36
CA SER A 104 13.33 0.73 3.60
C SER A 104 12.45 -0.52 3.67
N LEU A 105 12.98 -1.61 3.15
CA LEU A 105 12.38 -2.93 3.37
C LEU A 105 12.75 -3.35 4.78
N PRO A 106 11.92 -4.21 5.37
CA PRO A 106 12.13 -4.67 6.74
C PRO A 106 13.21 -5.72 6.79
N THR A 107 13.97 -5.76 7.87
CA THR A 107 14.90 -6.88 8.17
C THR A 107 14.18 -7.88 9.06
N SER A 108 13.07 -7.49 9.66
CA SER A 108 12.32 -8.39 10.57
C SER A 108 10.85 -8.08 10.41
N CYS A 109 10.05 -9.06 10.75
CA CYS A 109 8.58 -8.97 10.68
C CYS A 109 8.11 -8.24 11.92
N ALA A 110 7.18 -7.33 11.74
CA ALA A 110 6.66 -6.54 12.86
C ALA A 110 5.71 -7.40 13.68
N SER A 111 5.73 -7.24 14.98
CA SER A 111 4.82 -7.97 15.90
C SER A 111 3.44 -7.30 16.02
N ALA A 112 2.46 -8.11 16.39
CA ALA A 112 1.16 -7.61 16.85
C ALA A 112 1.40 -6.51 17.90
N GLY A 113 0.61 -5.45 17.82
CA GLY A 113 0.63 -4.33 18.76
C GLY A 113 1.49 -3.20 18.24
N THR A 114 2.30 -3.44 17.22
CA THR A 114 3.10 -2.39 16.55
C THR A 114 2.16 -1.37 15.91
N GLN A 115 2.41 -0.11 16.15
CA GLN A 115 1.64 0.98 15.52
C GLN A 115 2.26 1.24 14.15
N CYS A 116 1.40 1.38 13.15
CA CYS A 116 1.79 1.63 11.75
C CYS A 116 1.02 2.79 11.16
N LEU A 117 1.53 3.27 10.06
CA LEU A 117 0.90 4.35 9.29
C LEU A 117 0.50 3.78 7.94
N ILE A 118 -0.77 3.94 7.65
CA ILE A 118 -1.39 3.51 6.38
C ILE A 118 -1.84 4.76 5.64
N SER A 119 -1.65 4.80 4.35
CA SER A 119 -1.92 6.05 3.63
C SER A 119 -2.53 5.72 2.26
N GLY A 120 -3.30 6.66 1.73
CA GLY A 120 -3.84 6.50 0.39
C GLY A 120 -4.90 7.54 0.05
N TRP A 121 -5.36 7.45 -1.19
CA TRP A 121 -6.36 8.35 -1.79
C TRP A 121 -7.67 7.62 -1.96
N GLY A 122 -7.86 6.52 -1.26
CA GLY A 122 -9.09 5.74 -1.38
C GLY A 122 -10.28 6.40 -0.72
N ASN A 123 -11.41 5.71 -0.90
CA ASN A 123 -12.70 6.17 -0.35
C ASN A 123 -12.57 6.44 1.15
N THR A 124 -13.23 7.50 1.60
CA THR A 124 -13.26 7.90 3.02
C THR A 124 -14.56 7.51 3.71
N LYS A 125 -15.51 6.86 3.00
CA LYS A 125 -16.79 6.40 3.61
C LYS A 125 -16.88 4.87 3.66
N SER A 126 -17.53 4.32 4.70
CA SER A 126 -17.75 2.86 4.91
C SER A 126 -19.04 2.41 4.22
N SER A 127 -19.93 3.36 3.93
CA SER A 127 -21.14 3.15 3.11
C SER A 127 -21.32 4.39 2.22
N GLY A 128 -21.51 4.19 0.93
CA GLY A 128 -21.37 5.28 -0.05
C GLY A 128 -19.91 5.59 -0.36
N THR A 129 -19.72 6.73 -1.02
CA THR A 129 -18.53 7.05 -1.81
C THR A 129 -18.22 8.53 -1.68
N SER A 130 -17.00 8.81 -1.27
CA SER A 130 -16.37 10.15 -1.31
C SER A 130 -14.87 9.93 -1.41
N TYR A 131 -14.34 10.33 -2.55
CA TYR A 131 -12.91 10.17 -2.88
C TYR A 131 -12.23 11.49 -2.64
N PRO A 132 -11.20 11.50 -1.77
CA PRO A 132 -10.47 12.72 -1.47
C PRO A 132 -9.46 12.96 -2.58
N ASP A 133 -9.07 14.19 -2.70
CA ASP A 133 -8.07 14.56 -3.72
C ASP A 133 -6.69 14.56 -3.05
N VAL A 134 -6.64 14.67 -1.73
CA VAL A 134 -5.36 14.80 -1.01
C VAL A 134 -5.15 13.56 -0.18
N LEU A 135 -3.89 13.28 0.08
CA LEU A 135 -3.51 12.03 0.75
C LEU A 135 -4.02 11.99 2.18
N LYS A 136 -4.63 10.86 2.51
CA LYS A 136 -5.14 10.53 3.83
C LYS A 136 -4.25 9.49 4.52
N CYS A 137 -4.21 9.60 5.83
CA CYS A 137 -3.33 8.81 6.70
C CYS A 137 -4.18 8.22 7.82
N LEU A 138 -3.72 7.09 8.32
CA LEU A 138 -4.36 6.40 9.44
C LEU A 138 -3.27 5.73 10.24
N LYS A 139 -3.24 5.95 11.52
CA LYS A 139 -2.39 5.16 12.42
C LYS A 139 -3.22 3.99 12.92
N ALA A 140 -2.67 2.82 12.84
CA ALA A 140 -3.39 1.59 13.20
C ALA A 140 -2.38 0.58 13.70
N PRO A 141 -2.79 -0.22 14.67
CA PRO A 141 -1.92 -1.32 15.11
C PRO A 141 -2.07 -2.57 14.26
N ILE A 142 -1.03 -3.37 14.26
CA ILE A 142 -1.07 -4.75 13.74
C ILE A 142 -1.82 -5.58 14.77
N LEU A 143 -2.76 -6.38 14.31
CA LEU A 143 -3.54 -7.24 15.20
C LEU A 143 -2.84 -8.61 15.31
N SER A 144 -3.13 -9.31 16.40
CA SER A 144 -2.63 -10.67 16.64
C SER A 144 -3.14 -11.57 15.49
N ASP A 145 -2.33 -12.55 15.14
CA ASP A 145 -2.70 -13.56 14.11
C ASP A 145 -4.02 -14.22 14.56
N SER A 146 -4.22 -14.52 15.84
CA SER A 146 -5.44 -15.21 16.32
C SER A 146 -6.67 -14.30 16.10
N SER A 147 -6.58 -12.98 16.35
CA SER A 147 -7.73 -12.05 16.18
C SER A 147 -8.00 -11.94 14.68
N CYS A 148 -6.95 -11.95 13.86
CA CYS A 148 -7.10 -11.83 12.39
C CYS A 148 -7.79 -13.07 11.81
N LYS A 149 -7.32 -14.26 12.22
CA LYS A 149 -7.95 -15.56 11.86
C LYS A 149 -9.38 -15.62 12.37
N SER A 150 -9.67 -15.11 13.56
CA SER A 150 -11.06 -15.14 14.10
C SER A 150 -11.96 -14.24 13.27
N ALA A 151 -11.43 -13.15 12.73
CA ALA A 151 -12.20 -12.18 11.92
C ALA A 151 -12.52 -12.78 10.54
N TYR A 152 -11.59 -13.50 9.95
CA TYR A 152 -11.65 -14.06 8.59
C TYR A 152 -11.32 -15.54 8.65
N PRO A 153 -12.24 -16.36 9.20
CA PRO A 153 -11.98 -17.78 9.29
C PRO A 153 -11.64 -18.41 7.94
N GLY A 154 -10.56 -19.18 7.90
CA GLY A 154 -10.20 -19.90 6.68
C GLY A 154 -9.62 -19.04 5.56
N GLN A 155 -9.33 -17.77 5.77
CA GLN A 155 -8.90 -16.90 4.66
C GLN A 155 -7.53 -16.28 4.88
N ILE A 156 -6.99 -16.38 6.09
CA ILE A 156 -5.72 -15.68 6.41
C ILE A 156 -4.57 -16.66 6.23
N THR A 157 -3.65 -16.35 5.34
CA THR A 157 -2.45 -17.15 5.13
C THR A 157 -1.28 -16.55 5.93
N SER A 158 -0.17 -17.23 5.96
CA SER A 158 1.02 -16.75 6.67
C SER A 158 1.61 -15.54 5.94
N ASN A 159 1.08 -15.17 4.78
CA ASN A 159 1.54 -14.01 4.01
C ASN A 159 0.63 -12.80 4.19
N MET A 160 -0.22 -12.83 5.21
CA MET A 160 -1.17 -11.78 5.46
C MET A 160 -1.15 -11.39 6.92
N PHE A 161 -1.44 -10.14 7.18
CA PHE A 161 -1.73 -9.75 8.57
C PHE A 161 -2.90 -8.79 8.53
N CYS A 162 -3.53 -8.66 9.69
CA CYS A 162 -4.61 -7.70 9.92
C CYS A 162 -4.07 -6.49 10.67
N ALA A 163 -4.57 -5.33 10.33
CA ALA A 163 -4.25 -4.13 11.09
C ALA A 163 -5.49 -3.29 11.12
N GLY A 164 -5.67 -2.55 12.18
CA GLY A 164 -6.81 -1.65 12.31
C GLY A 164 -7.49 -1.88 13.62
N TYR A 165 -8.79 -1.83 13.60
CA TYR A 165 -9.64 -1.70 14.81
C TYR A 165 -10.82 -2.64 14.65
N LEU A 166 -10.96 -3.56 15.60
CA LEU A 166 -12.10 -4.51 15.58
C LEU A 166 -13.42 -3.75 15.79
N GLU A 167 -13.42 -2.59 16.43
CA GLU A 167 -14.65 -1.80 16.72
C GLU A 167 -15.15 -1.16 15.40
N GLY A 168 -14.36 -1.15 14.33
CA GLY A 168 -14.75 -0.50 13.08
C GLY A 168 -14.35 0.97 13.04
N GLY A 169 -14.80 1.65 11.98
CA GLY A 169 -14.77 3.11 11.86
C GLY A 169 -13.49 3.65 11.29
N LYS A 170 -12.42 2.85 11.26
CA LYS A 170 -11.09 3.31 10.81
C LYS A 170 -10.44 2.16 10.02
N ASP A 171 -10.17 2.41 8.75
CA ASP A 171 -9.66 1.35 7.88
C ASP A 171 -9.18 1.94 6.55
N SER A 172 -8.42 1.14 5.82
CA SER A 172 -8.17 1.36 4.40
C SER A 172 -9.43 0.98 3.63
N CYS A 173 -9.51 1.44 2.40
CA CYS A 173 -10.71 1.24 1.61
C CYS A 173 -10.37 1.20 0.12
N GLN A 174 -11.41 1.15 -0.70
CA GLN A 174 -11.25 1.07 -2.16
C GLN A 174 -10.39 2.23 -2.64
N GLY A 175 -9.35 1.95 -3.42
CA GLY A 175 -8.47 2.97 -3.97
C GLY A 175 -7.23 3.14 -3.13
N ASP A 176 -7.22 2.54 -1.95
CA ASP A 176 -6.01 2.50 -1.11
C ASP A 176 -5.16 1.31 -1.47
N SER A 177 -5.75 0.35 -2.19
CA SER A 177 -5.07 -0.87 -2.67
C SER A 177 -3.64 -0.59 -3.12
N GLY A 178 -2.74 -1.45 -2.69
CA GLY A 178 -1.34 -1.39 -3.11
C GLY A 178 -0.51 -0.43 -2.29
N GLY A 179 -1.16 0.35 -1.43
CA GLY A 179 -0.41 1.39 -0.70
C GLY A 179 0.29 0.81 0.50
N PRO A 180 1.10 1.66 1.13
CA PRO A 180 2.00 1.24 2.20
C PRO A 180 1.35 1.14 3.58
N VAL A 181 1.85 0.18 4.35
CA VAL A 181 1.73 0.13 5.81
C VAL A 181 3.16 0.19 6.33
N VAL A 182 3.46 1.28 7.00
CA VAL A 182 4.85 1.57 7.44
C VAL A 182 4.87 1.57 8.96
N CYS A 183 5.81 0.82 9.50
CA CYS A 183 5.95 0.67 10.95
C CYS A 183 7.41 0.86 11.29
N SER A 184 7.69 1.77 12.21
CA SER A 184 9.07 2.04 12.66
C SER A 184 9.96 2.32 11.44
N GLY A 185 9.43 3.06 10.48
CA GLY A 185 10.19 3.54 9.29
C GLY A 185 10.50 2.43 8.30
N LYS A 186 9.80 1.30 8.35
CA LYS A 186 10.01 0.18 7.39
C LYS A 186 8.68 -0.16 6.74
N LEU A 187 8.75 -0.65 5.51
CA LEU A 187 7.54 -1.09 4.82
C LEU A 187 7.19 -2.49 5.31
N GLN A 188 6.13 -2.63 6.08
CA GLN A 188 5.69 -3.95 6.60
C GLN A 188 4.48 -4.50 5.86
N GLY A 189 3.69 -3.63 5.23
CA GLY A 189 2.50 -4.17 4.58
C GLY A 189 2.12 -3.46 3.33
N ILE A 190 1.25 -4.11 2.60
CA ILE A 190 0.62 -3.54 1.40
C ILE A 190 -0.90 -3.69 1.55
N VAL A 191 -1.63 -2.63 1.26
CA VAL A 191 -3.10 -2.67 1.34
C VAL A 191 -3.62 -3.74 0.36
N SER A 192 -4.25 -4.77 0.88
CA SER A 192 -4.60 -5.95 0.03
C SER A 192 -6.12 -6.12 -0.05
N TRP A 193 -6.78 -6.40 1.03
CA TRP A 193 -8.21 -6.74 1.01
C TRP A 193 -8.86 -6.57 2.37
N GLY A 194 -10.16 -6.81 2.37
CA GLY A 194 -10.99 -6.84 3.57
C GLY A 194 -12.43 -7.05 3.17
N SER A 195 -13.30 -7.20 4.15
CA SER A 195 -14.76 -7.30 3.93
C SER A 195 -15.30 -5.88 4.08
N GLY A 196 -15.49 -5.19 2.96
CA GLY A 196 -15.86 -3.78 2.98
C GLY A 196 -14.78 -2.97 3.65
N CYS A 197 -15.17 -1.85 4.24
CA CYS A 197 -14.23 -0.90 4.87
C CYS A 197 -14.79 -0.53 6.23
N ALA A 198 -13.97 -0.59 7.27
CA ALA A 198 -14.27 0.01 8.58
C ALA A 198 -15.47 -0.68 9.20
N GLN A 199 -15.75 -1.91 8.80
CA GLN A 199 -16.83 -2.67 9.44
C GLN A 199 -16.35 -3.26 10.77
N LYS A 200 -17.28 -3.41 11.72
CA LYS A 200 -17.03 -4.08 13.00
C LYS A 200 -16.52 -5.50 12.71
N ASN A 201 -15.47 -5.90 13.43
CA ASN A 201 -14.89 -7.27 13.43
C ASN A 201 -14.33 -7.62 12.05
N LYS A 202 -14.11 -6.64 11.17
CA LYS A 202 -13.59 -6.91 9.81
C LYS A 202 -12.47 -5.91 9.52
N PRO A 203 -11.30 -6.08 10.17
CA PRO A 203 -10.20 -5.20 9.91
C PRO A 203 -9.63 -5.42 8.51
N GLY A 204 -8.80 -4.48 8.11
CA GLY A 204 -8.09 -4.61 6.85
C GLY A 204 -7.04 -5.70 6.93
N VAL A 205 -6.85 -6.36 5.79
CA VAL A 205 -5.85 -7.41 5.58
C VAL A 205 -4.79 -6.88 4.63
N TYR A 206 -3.54 -7.16 5.00
CA TYR A 206 -2.35 -6.56 4.35
C TYR A 206 -1.38 -7.67 3.98
N THR A 207 -0.71 -7.51 2.86
CA THR A 207 0.34 -8.43 2.45
C THR A 207 1.52 -8.26 3.41
N LYS A 208 2.08 -9.36 3.86
CA LYS A 208 3.14 -9.36 4.89
C LYS A 208 4.49 -9.25 4.19
N VAL A 209 4.96 -8.03 4.02
CA VAL A 209 6.13 -7.72 3.14
C VAL A 209 7.38 -8.43 3.64
N CYS A 210 7.52 -8.64 4.95
CA CYS A 210 8.75 -9.25 5.46
C CYS A 210 8.96 -10.64 4.88
N ASN A 211 7.91 -11.30 4.38
CA ASN A 211 8.06 -12.64 3.79
C ASN A 211 8.65 -12.57 2.38
N TYR A 212 8.72 -11.39 1.80
CA TYR A 212 9.02 -11.24 0.36
C TYR A 212 10.32 -10.53 0.12
N VAL A 213 11.07 -10.21 1.18
CA VAL A 213 12.30 -9.41 1.00
C VAL A 213 13.30 -10.11 0.07
N SER A 214 13.53 -11.41 0.21
CA SER A 214 14.51 -12.09 -0.67
C SER A 214 14.03 -12.05 -2.12
N TRP A 215 12.72 -12.25 -2.36
CA TRP A 215 12.17 -12.23 -3.73
C TRP A 215 12.35 -10.81 -4.28
N ILE A 216 12.06 -9.82 -3.47
CA ILE A 216 12.19 -8.41 -3.93
C ILE A 216 13.64 -8.14 -4.31
N LYS A 217 14.55 -8.48 -3.43
CA LYS A 217 15.95 -8.11 -3.66
C LYS A 217 16.51 -8.88 -4.87
N GLN A 218 16.15 -10.15 -5.01
CA GLN A 218 16.73 -10.96 -6.11
C GLN A 218 16.10 -10.44 -7.41
N THR A 219 14.81 -10.05 -7.37
CA THR A 219 14.14 -9.61 -8.60
C THR A 219 14.74 -8.28 -9.04
N ILE A 220 14.95 -7.35 -8.11
CA ILE A 220 15.54 -6.05 -8.48
C ILE A 220 16.95 -6.24 -9.01
N ALA A 221 17.71 -7.16 -8.44
CA ALA A 221 19.13 -7.36 -8.82
C ALA A 221 19.26 -7.80 -10.28
N SER A 222 18.22 -8.42 -10.86
CA SER A 222 18.30 -9.14 -12.15
C SER A 222 17.40 -8.50 -13.20
N ASN A 223 16.77 -7.37 -12.91
CA ASN A 223 15.80 -6.78 -13.84
C ASN A 223 16.00 -5.29 -13.96
OH SRO B . -14.65 -2.60 -0.21
CZ3 SRO B . -13.37 -2.65 -0.62
CH2 SRO B . -13.15 -2.58 -2.01
CZ2 SRO B . -11.87 -2.67 -2.51
CE2 SRO B . -10.82 -2.80 -1.60
NE1 SRO B . -9.49 -2.89 -1.82
CD1 SRO B . -8.84 -3.03 -0.63
CG SRO B . -9.73 -2.95 0.39
CD2 SRO B . -11.04 -2.87 -0.22
CE3 SRO B . -12.35 -2.83 0.28
CB SRO B . -9.42 -3.24 1.82
CA SRO B . -9.73 -2.21 2.78
NZ SRO B . -9.35 -2.69 4.07
S DMS C . -3.17 16.50 -12.35
O DMS C . -1.86 15.82 -12.44
C1 DMS C . -4.41 15.26 -12.82
C2 DMS C . -3.36 17.50 -13.82
CA CA D . -0.60 16.79 -7.77
#